data_8HBV
#
_entry.id   8HBV
#
_cell.length_a   1.00
_cell.length_b   1.00
_cell.length_c   1.00
_cell.angle_alpha   90.00
_cell.angle_beta   90.00
_cell.angle_gamma   90.00
#
_symmetry.space_group_name_H-M   'P 1'
#
loop_
_entity.id
_entity.type
_entity.pdbx_description
1 polymer 'Mitochondrial brown fat uncoupling protein 1'
2 polymer 'Sybody 12F2'
3 non-polymer CARDIOLIPIN
4 non-polymer 1,2-DIACYL-SN-GLYCERO-3-PHOSPHOCHOLINE
#
loop_
_entity_poly.entity_id
_entity_poly.type
_entity_poly.pdbx_seq_one_letter_code
_entity_poly.pdbx_strand_id
1 'polypeptide(L)'
;MSRLEEELRRRLTEGSGGWSHPQFEKGSGDYKDDDDKGSGWSHPQFEKLEVLFQGPMGGLTASDVHPTLGVQLFSAGIAA
CLADVITFPLDTAKVRLQVQGECPTSSVIRYKGVLGTITAVVKTEGRMKLYSGLPAGLQRQISSASLRIGLYDTVQEFLT
AGKETAPSLGSKILAGLTTGGVAVFIGQPTEVVKVRLQAQSHLHGIKPRYTGTYNAYRIIATTEGLTGLWKGTTPNLMRS
VIINCTELVTYDLMKEAFVKNNILADDVPCHLVSALIAGFCATAMSSPVDVVKTRFINSPPGQYKSVPNCAMKVFTNEGP
TAFFKGLVPSFLRLGSWNVIMFVCFEQLKRELSKSRQTMDCAT
;
A
2 'polypeptide(L)'
;MGQVQLVESGGGLVQAGGSLRLSCAASGFPVMYYNMHWYRQAPGKEREWVAAIESTGWWAHYADSVKGRFTISRDNAKNT
VYLQMNSLKPEDTAVYYCNVKDFGWRWEAYDYWGQGTQVTVSSLEHHHHHH
;
B
#
# COMPACT_ATOMS: atom_id res chain seq x y z
N HIS A 66 5.12 -39.43 -16.34
CA HIS A 66 4.11 -38.40 -16.14
C HIS A 66 3.77 -38.19 -14.68
N PRO A 67 4.06 -37.01 -14.16
CA PRO A 67 3.75 -36.71 -12.76
C PRO A 67 2.26 -36.89 -12.48
N THR A 68 1.96 -37.65 -11.41
CA THR A 68 0.60 -37.82 -10.96
C THR A 68 0.10 -36.54 -10.29
N LEU A 69 -1.19 -36.52 -9.94
CA LEU A 69 -1.76 -35.34 -9.30
C LEU A 69 -1.17 -35.13 -7.92
N GLY A 70 -0.94 -36.21 -7.17
CA GLY A 70 -0.35 -36.06 -5.86
C GLY A 70 1.02 -35.43 -5.91
N VAL A 71 1.87 -35.90 -6.83
CA VAL A 71 3.21 -35.33 -6.91
C VAL A 71 3.16 -33.92 -7.48
N GLN A 72 2.25 -33.65 -8.43
CA GLN A 72 2.11 -32.28 -8.90
C GLN A 72 1.62 -31.36 -7.80
N LEU A 73 0.64 -31.78 -7.02
CA LEU A 73 0.09 -30.92 -5.98
C LEU A 73 1.10 -30.68 -4.86
N PHE A 74 1.77 -31.75 -4.42
CA PHE A 74 2.79 -31.67 -3.39
C PHE A 74 3.99 -30.84 -3.85
N SER A 75 4.45 -31.07 -5.09
CA SER A 75 5.54 -30.30 -5.66
C SER A 75 5.17 -28.83 -5.78
N ALA A 76 3.96 -28.54 -6.24
CA ALA A 76 3.56 -27.15 -6.39
C ALA A 76 3.51 -26.46 -5.03
N GLY A 77 2.97 -27.14 -4.02
CA GLY A 77 2.93 -26.56 -2.69
C GLY A 77 4.31 -26.26 -2.16
N ILE A 78 5.24 -27.22 -2.28
CA ILE A 78 6.58 -27.00 -1.75
C ILE A 78 7.34 -25.96 -2.55
N ALA A 79 7.26 -26.00 -3.87
CA ALA A 79 7.97 -25.01 -4.68
C ALA A 79 7.45 -23.62 -4.40
N ALA A 80 6.13 -23.46 -4.30
CA ALA A 80 5.56 -22.17 -3.96
C ALA A 80 6.02 -21.70 -2.58
N CYS A 81 6.04 -22.61 -1.61
CA CYS A 81 6.43 -22.23 -0.25
C CYS A 81 7.91 -21.88 -0.18
N LEU A 82 8.76 -22.62 -0.88
CA LEU A 82 10.18 -22.30 -0.93
C LEU A 82 10.41 -20.94 -1.56
N ALA A 83 9.76 -20.69 -2.70
CA ALA A 83 9.89 -19.39 -3.34
C ALA A 83 9.39 -18.27 -2.43
N ASP A 84 8.31 -18.53 -1.70
CA ASP A 84 7.77 -17.52 -0.80
C ASP A 84 8.71 -17.25 0.36
N VAL A 85 9.28 -18.28 0.99
CA VAL A 85 10.18 -18.02 2.10
C VAL A 85 11.44 -17.32 1.62
N ILE A 86 11.89 -17.62 0.40
CA ILE A 86 13.11 -16.99 -0.08
C ILE A 86 12.88 -15.53 -0.44
N THR A 87 11.74 -15.22 -1.06
CA THR A 87 11.48 -13.88 -1.54
C THR A 87 10.60 -13.05 -0.61
N PHE A 88 10.28 -13.57 0.58
CA PHE A 88 9.43 -12.83 1.51
C PHE A 88 9.98 -11.47 1.92
N PRO A 89 11.28 -11.29 2.19
CA PRO A 89 11.76 -9.94 2.50
C PRO A 89 11.46 -8.93 1.41
N LEU A 90 11.45 -9.34 0.15
CA LEU A 90 11.07 -8.42 -0.93
C LEU A 90 9.62 -7.99 -0.80
N ASP A 91 8.74 -8.92 -0.45
CA ASP A 91 7.34 -8.58 -0.23
C ASP A 91 7.16 -7.65 0.95
N THR A 92 7.89 -7.90 2.04
CA THR A 92 7.80 -7.02 3.19
C THR A 92 8.33 -5.63 2.87
N ALA A 93 9.42 -5.55 2.10
CA ALA A 93 9.94 -4.26 1.68
C ALA A 93 8.94 -3.54 0.80
N LYS A 94 8.28 -4.26 -0.10
CA LYS A 94 7.25 -3.67 -0.94
C LYS A 94 6.14 -3.07 -0.11
N VAL A 95 5.65 -3.82 0.89
CA VAL A 95 4.57 -3.33 1.73
C VAL A 95 5.01 -2.11 2.52
N ARG A 96 6.23 -2.13 3.07
CA ARG A 96 6.74 -1.01 3.84
C ARG A 96 6.87 0.24 2.97
N LEU A 97 7.32 0.08 1.74
CA LEU A 97 7.41 1.21 0.82
C LEU A 97 6.03 1.69 0.41
N GLN A 98 5.05 0.80 0.33
CA GLN A 98 3.72 1.19 -0.11
C GLN A 98 2.96 1.95 0.98
N VAL A 99 3.14 1.61 2.24
CA VAL A 99 2.42 2.29 3.31
C VAL A 99 3.24 3.40 3.95
N GLN A 100 4.34 3.82 3.31
CA GLN A 100 5.27 4.74 3.96
C GLN A 100 4.68 6.13 4.11
N GLY A 101 4.11 6.67 3.05
CA GLY A 101 3.63 8.03 3.11
C GLY A 101 2.21 8.21 3.60
N GLU A 102 1.54 7.14 4.01
CA GLU A 102 0.15 7.24 4.42
C GLU A 102 0.01 8.10 5.67
N CYS A 103 0.81 7.82 6.69
CA CYS A 103 0.78 8.54 7.94
C CYS A 103 2.17 9.13 8.19
N PRO A 104 2.31 10.44 8.37
CA PRO A 104 3.62 11.01 8.65
C PRO A 104 4.22 10.44 9.91
N THR A 105 5.54 10.26 9.90
CA THR A 105 6.26 9.67 11.02
C THR A 105 7.33 10.64 11.51
N SER A 106 7.48 10.71 12.83
CA SER A 106 8.53 11.51 13.41
C SER A 106 9.88 10.78 13.43
N SER A 107 9.88 9.47 13.23
CA SER A 107 11.13 8.72 13.21
C SER A 107 11.90 9.04 11.93
N VAL A 108 13.23 8.98 12.05
CA VAL A 108 14.12 9.32 10.95
C VAL A 108 14.33 8.11 10.07
N ILE A 109 13.63 7.02 10.36
CA ILE A 109 13.77 5.78 9.58
C ILE A 109 12.94 5.94 8.31
N ARG A 110 13.62 6.13 7.19
CA ARG A 110 12.99 6.31 5.89
C ARG A 110 13.33 5.10 5.03
N TYR A 111 12.33 4.57 4.33
CA TYR A 111 12.54 3.40 3.48
C TYR A 111 12.76 3.88 2.05
N LYS A 112 13.92 3.54 1.49
CA LYS A 112 14.27 3.97 0.15
C LYS A 112 15.07 2.85 -0.50
N GLY A 113 14.43 2.15 -1.44
CA GLY A 113 15.10 1.11 -2.19
C GLY A 113 14.75 -0.28 -1.67
N VAL A 114 15.19 -1.28 -2.42
CA VAL A 114 14.98 -2.66 -2.02
C VAL A 114 15.89 -3.01 -0.85
N LEU A 115 17.21 -2.91 -1.06
CA LEU A 115 18.15 -3.27 -0.01
C LEU A 115 18.19 -2.22 1.09
N GLY A 116 17.88 -0.97 0.77
CA GLY A 116 17.75 0.04 1.80
C GLY A 116 16.63 -0.27 2.78
N THR A 117 15.46 -0.63 2.25
CA THR A 117 14.31 -0.96 3.10
C THR A 117 14.59 -2.21 3.92
N ILE A 118 15.12 -3.25 3.29
CA ILE A 118 15.39 -4.50 4.00
C ILE A 118 16.42 -4.27 5.09
N THR A 119 17.48 -3.52 4.79
CA THR A 119 18.51 -3.25 5.78
C THR A 119 17.98 -2.40 6.93
N ALA A 120 17.16 -1.39 6.62
CA ALA A 120 16.58 -0.58 7.67
C ALA A 120 15.69 -1.41 8.58
N VAL A 121 14.88 -2.30 8.00
CA VAL A 121 14.02 -3.15 8.80
C VAL A 121 14.85 -4.09 9.67
N VAL A 122 15.93 -4.64 9.12
CA VAL A 122 16.75 -5.57 9.90
C VAL A 122 17.46 -4.84 11.03
N LYS A 123 17.90 -3.61 10.79
CA LYS A 123 18.63 -2.89 11.82
C LYS A 123 17.71 -2.38 12.91
N THR A 124 16.55 -1.85 12.55
CA THR A 124 15.69 -1.21 13.54
C THR A 124 14.67 -2.16 14.16
N GLU A 125 14.44 -3.33 13.56
CA GLU A 125 13.46 -4.26 14.09
C GLU A 125 13.91 -5.71 14.10
N GLY A 126 15.05 -6.05 13.51
CA GLY A 126 15.55 -7.41 13.53
C GLY A 126 15.23 -8.17 12.25
N ARG A 127 15.75 -9.39 12.20
CA ARG A 127 15.58 -10.24 11.04
C ARG A 127 14.18 -10.83 10.98
N MET A 128 13.60 -11.21 12.12
CA MET A 128 12.29 -11.82 12.12
C MET A 128 11.20 -10.86 11.67
N LYS A 129 11.44 -9.56 11.74
CA LYS A 129 10.46 -8.61 11.24
C LYS A 129 10.35 -8.65 9.73
N LEU A 130 11.40 -9.11 9.03
CA LEU A 130 11.31 -9.31 7.60
C LEU A 130 10.28 -10.37 7.26
N TYR A 131 10.27 -11.46 8.01
CA TYR A 131 9.36 -12.58 7.78
C TYR A 131 8.13 -12.50 8.67
N SER A 132 7.49 -11.34 8.71
CA SER A 132 6.32 -11.13 9.53
C SER A 132 5.08 -11.43 8.69
N GLY A 133 4.22 -12.31 9.20
CA GLY A 133 3.12 -12.81 8.41
C GLY A 133 3.48 -13.93 7.48
N LEU A 134 4.67 -14.52 7.63
CA LEU A 134 5.07 -15.61 6.75
C LEU A 134 4.14 -16.81 6.81
N PRO A 135 3.66 -17.27 7.97
CA PRO A 135 2.68 -18.36 7.95
C PRO A 135 1.45 -18.05 7.13
N ALA A 136 0.97 -16.81 7.16
CA ALA A 136 -0.13 -16.41 6.28
C ALA A 136 0.28 -16.51 4.82
N GLY A 137 1.51 -16.09 4.50
CA GLY A 137 2.00 -16.22 3.15
C GLY A 137 2.11 -17.67 2.71
N LEU A 138 2.54 -18.55 3.62
CA LEU A 138 2.62 -19.97 3.28
C LEU A 138 1.24 -20.57 3.05
N GLN A 139 0.26 -20.20 3.88
CA GLN A 139 -1.10 -20.67 3.67
C GLN A 139 -1.63 -20.21 2.32
N ARG A 140 -1.39 -18.94 1.98
CA ARG A 140 -1.81 -18.42 0.70
C ARG A 140 -1.14 -19.17 -0.44
N GLN A 141 0.16 -19.44 -0.32
CA GLN A 141 0.87 -20.17 -1.36
C GLN A 141 0.31 -21.57 -1.54
N ILE A 142 0.00 -22.25 -0.43
CA ILE A 142 -0.54 -23.60 -0.51
C ILE A 142 -1.87 -23.57 -1.25
N SER A 143 -2.78 -22.69 -0.83
CA SER A 143 -4.10 -22.65 -1.45
C SER A 143 -4.03 -22.26 -2.91
N SER A 144 -3.22 -21.25 -3.23
CA SER A 144 -3.11 -20.80 -4.62
C SER A 144 -2.48 -21.86 -5.51
N ALA A 145 -1.41 -22.51 -5.05
CA ALA A 145 -0.77 -23.55 -5.84
C ALA A 145 -1.68 -24.75 -6.04
N SER A 146 -2.40 -25.15 -4.99
CA SER A 146 -3.33 -26.27 -5.14
C SER A 146 -4.44 -25.93 -6.11
N LEU A 147 -4.97 -24.70 -6.02
CA LEU A 147 -6.03 -24.32 -6.95
C LEU A 147 -5.52 -24.24 -8.38
N ARG A 148 -4.26 -23.83 -8.55
CA ARG A 148 -3.69 -23.80 -9.89
C ARG A 148 -3.57 -25.22 -10.45
N ILE A 149 -2.97 -26.13 -9.67
CA ILE A 149 -2.72 -27.48 -10.17
C ILE A 149 -4.03 -28.23 -10.39
N GLY A 150 -5.03 -27.98 -9.55
CA GLY A 150 -6.26 -28.72 -9.65
C GLY A 150 -7.39 -28.08 -10.43
N LEU A 151 -7.27 -26.81 -10.81
CA LEU A 151 -8.37 -26.14 -11.47
C LEU A 151 -7.96 -25.48 -12.79
N TYR A 152 -6.76 -24.89 -12.83
CA TYR A 152 -6.29 -24.31 -14.09
C TYR A 152 -6.19 -25.37 -15.18
N ASP A 153 -5.98 -26.63 -14.79
CA ASP A 153 -5.98 -27.71 -15.77
C ASP A 153 -7.36 -27.89 -16.41
N THR A 154 -8.39 -28.04 -15.59
CA THR A 154 -9.70 -28.43 -16.12
C THR A 154 -10.31 -27.31 -16.96
N VAL A 155 -10.20 -26.06 -16.53
CA VAL A 155 -10.76 -24.97 -17.31
C VAL A 155 -9.99 -24.81 -18.62
N GLN A 156 -8.66 -24.89 -18.56
CA GLN A 156 -7.85 -24.78 -19.77
C GLN A 156 -8.17 -25.88 -20.77
N GLU A 157 -8.28 -27.13 -20.29
CA GLU A 157 -8.58 -28.23 -21.20
C GLU A 157 -10.02 -28.24 -21.67
N PHE A 158 -10.93 -27.64 -20.90
CA PHE A 158 -12.28 -27.40 -21.41
C PHE A 158 -12.24 -26.41 -22.56
N LEU A 159 -11.44 -25.35 -22.43
CA LEU A 159 -11.37 -24.36 -23.51
C LEU A 159 -10.62 -24.87 -24.73
N THR A 160 -9.62 -25.74 -24.54
CA THR A 160 -8.81 -26.20 -25.65
C THR A 160 -9.44 -27.42 -26.33
N ALA A 161 -9.66 -28.49 -25.57
CA ALA A 161 -10.22 -29.71 -26.14
C ALA A 161 -11.72 -29.62 -26.38
N GLY A 162 -12.40 -28.62 -25.80
CA GLY A 162 -13.85 -28.53 -25.97
C GLY A 162 -14.25 -28.29 -27.42
N LYS A 163 -13.58 -27.34 -28.07
CA LYS A 163 -13.71 -27.14 -29.50
C LYS A 163 -12.56 -27.77 -30.27
N GLU A 164 -11.73 -28.56 -29.59
CA GLU A 164 -10.51 -29.13 -30.17
C GLU A 164 -9.59 -28.03 -30.71
N THR A 165 -9.62 -26.87 -30.05
CA THR A 165 -8.81 -25.73 -30.45
C THR A 165 -7.49 -25.74 -29.66
N ALA A 166 -6.53 -24.95 -30.14
CA ALA A 166 -5.25 -24.78 -29.49
C ALA A 166 -5.36 -23.82 -28.32
N PRO A 167 -4.43 -23.87 -27.36
CA PRO A 167 -4.48 -22.91 -26.26
C PRO A 167 -4.16 -21.50 -26.72
N SER A 168 -5.14 -20.85 -27.34
CA SER A 168 -4.97 -19.49 -27.81
C SER A 168 -4.86 -18.53 -26.62
N LEU A 169 -4.47 -17.29 -26.92
CA LEU A 169 -4.35 -16.31 -25.86
C LEU A 169 -5.70 -16.04 -25.18
N GLY A 170 -6.78 -16.03 -25.95
CA GLY A 170 -8.09 -15.83 -25.34
C GLY A 170 -8.43 -16.91 -24.32
N SER A 171 -8.22 -18.17 -24.70
CA SER A 171 -8.45 -19.27 -23.76
C SER A 171 -7.54 -19.16 -22.55
N LYS A 172 -6.28 -18.81 -22.77
CA LYS A 172 -5.34 -18.63 -21.67
C LYS A 172 -5.77 -17.46 -20.77
N ILE A 173 -6.25 -16.37 -21.38
CA ILE A 173 -6.69 -15.22 -20.59
C ILE A 173 -7.86 -15.59 -19.71
N LEU A 174 -8.87 -16.27 -20.28
CA LEU A 174 -10.02 -16.67 -19.49
C LEU A 174 -9.66 -17.67 -18.40
N ALA A 175 -8.79 -18.65 -18.73
CA ALA A 175 -8.42 -19.64 -17.73
C ALA A 175 -7.67 -19.01 -16.57
N GLY A 176 -6.70 -18.14 -16.88
CA GLY A 176 -6.01 -17.43 -15.82
C GLY A 176 -6.94 -16.54 -15.02
N LEU A 177 -7.89 -15.89 -15.68
CA LEU A 177 -8.83 -15.04 -14.97
C LEU A 177 -9.65 -15.84 -13.97
N THR A 178 -10.22 -16.96 -14.40
CA THR A 178 -11.06 -17.76 -13.51
C THR A 178 -10.24 -18.35 -12.37
N THR A 179 -9.11 -18.96 -12.69
CA THR A 179 -8.27 -19.56 -11.65
C THR A 179 -7.81 -18.50 -10.65
N GLY A 180 -7.36 -17.35 -11.15
CA GLY A 180 -6.91 -16.30 -10.26
C GLY A 180 -8.01 -15.72 -9.40
N GLY A 181 -9.22 -15.59 -9.96
CA GLY A 181 -10.32 -15.08 -9.16
C GLY A 181 -10.68 -16.01 -8.04
N VAL A 182 -10.78 -17.31 -8.34
CA VAL A 182 -11.09 -18.27 -7.29
C VAL A 182 -9.99 -18.29 -6.24
N ALA A 183 -8.72 -18.22 -6.68
CA ALA A 183 -7.61 -18.23 -5.75
C ALA A 183 -7.60 -16.99 -4.86
N VAL A 184 -7.87 -15.81 -5.43
CA VAL A 184 -7.94 -14.58 -4.64
C VAL A 184 -9.04 -14.69 -3.60
N PHE A 185 -10.21 -15.19 -3.99
CA PHE A 185 -11.28 -15.30 -3.02
C PHE A 185 -10.93 -16.27 -1.91
N ILE A 186 -10.29 -17.39 -2.24
CA ILE A 186 -9.96 -18.38 -1.22
C ILE A 186 -8.88 -17.86 -0.28
N GLY A 187 -7.87 -17.19 -0.82
CA GLY A 187 -6.74 -16.75 -0.04
C GLY A 187 -6.76 -15.31 0.42
N GLN A 188 -7.89 -14.62 0.34
CA GLN A 188 -7.96 -13.26 0.87
C GLN A 188 -7.69 -13.14 2.37
N PRO A 189 -8.23 -13.99 3.26
CA PRO A 189 -7.90 -13.81 4.69
C PRO A 189 -6.41 -13.87 4.96
N THR A 190 -5.71 -14.77 4.27
CA THR A 190 -4.26 -14.84 4.36
C THR A 190 -3.62 -13.53 3.92
N GLU A 191 -4.14 -12.94 2.84
CA GLU A 191 -3.59 -11.67 2.35
C GLU A 191 -3.80 -10.55 3.37
N VAL A 192 -4.99 -10.47 3.96
CA VAL A 192 -5.26 -9.44 4.96
C VAL A 192 -4.30 -9.57 6.13
N VAL A 193 -4.19 -10.78 6.67
CA VAL A 193 -3.33 -11.00 7.84
C VAL A 193 -1.88 -10.70 7.48
N LYS A 194 -1.42 -11.21 6.35
CA LYS A 194 -0.02 -11.04 5.96
C LYS A 194 0.32 -9.58 5.72
N VAL A 195 -0.56 -8.84 5.04
CA VAL A 195 -0.27 -7.43 4.76
C VAL A 195 -0.25 -6.63 6.04
N ARG A 196 -1.22 -6.86 6.94
CA ARG A 196 -1.23 -6.09 8.17
C ARG A 196 -0.01 -6.41 9.04
N LEU A 197 0.42 -7.68 9.07
CA LEU A 197 1.60 -8.04 9.83
C LEU A 197 2.88 -7.50 9.20
N GLN A 198 2.94 -7.45 7.87
CA GLN A 198 4.11 -6.89 7.20
C GLN A 198 4.20 -5.38 7.42
N ALA A 199 3.06 -4.71 7.47
CA ALA A 199 3.05 -3.26 7.59
C ALA A 199 3.13 -2.77 9.03
N GLN A 200 2.76 -3.58 10.01
CA GLN A 200 2.79 -3.11 11.38
C GLN A 200 4.21 -2.94 11.88
N SER A 201 4.44 -1.85 12.60
CA SER A 201 5.76 -1.51 13.10
C SER A 201 5.61 -0.75 14.41
N HIS A 202 6.64 -0.81 15.23
CA HIS A 202 6.67 -0.10 16.50
C HIS A 202 7.32 1.27 16.41
N LEU A 203 7.76 1.69 15.23
CA LEU A 203 8.62 2.85 15.10
C LEU A 203 7.97 4.06 14.43
N HIS A 204 6.75 3.95 13.93
CA HIS A 204 6.15 5.04 13.17
C HIS A 204 4.86 5.56 13.81
N GLY A 205 4.67 5.31 15.10
CA GLY A 205 3.56 5.91 15.83
C GLY A 205 2.23 5.24 15.67
N ILE A 206 2.17 4.10 14.99
CA ILE A 206 0.93 3.33 14.84
C ILE A 206 1.07 2.06 15.67
N LYS A 207 0.13 1.84 16.57
CA LYS A 207 0.24 0.74 17.52
C LYS A 207 -0.02 -0.57 16.79
N PRO A 208 0.88 -1.54 16.83
CA PRO A 208 0.63 -2.82 16.16
C PRO A 208 -0.56 -3.55 16.76
N ARG A 209 -1.46 -4.01 15.90
CA ARG A 209 -2.69 -4.64 16.35
C ARG A 209 -2.54 -6.11 16.67
N TYR A 210 -1.45 -6.76 16.24
CA TYR A 210 -1.35 -8.21 16.29
C TYR A 210 0.05 -8.61 16.69
N THR A 211 0.16 -9.81 17.24
CA THR A 211 1.44 -10.40 17.60
C THR A 211 1.89 -11.48 16.65
N GLY A 212 1.04 -11.92 15.74
CA GLY A 212 1.42 -12.98 14.84
C GLY A 212 0.28 -13.31 13.90
N THR A 213 0.44 -14.41 13.18
CA THR A 213 -0.52 -14.77 12.13
C THR A 213 -1.85 -15.20 12.74
N TYR A 214 -1.82 -16.08 13.74
CA TYR A 214 -3.05 -16.62 14.29
C TYR A 214 -3.67 -15.68 15.32
N ASN A 215 -2.84 -14.89 16.00
CA ASN A 215 -3.37 -13.80 16.79
C ASN A 215 -4.14 -12.84 15.90
N ALA A 216 -3.55 -12.46 14.76
CA ALA A 216 -4.25 -11.60 13.82
C ALA A 216 -5.52 -12.25 13.32
N TYR A 217 -5.47 -13.54 13.00
CA TYR A 217 -6.65 -14.25 12.52
C TYR A 217 -7.78 -14.15 13.53
N ARG A 218 -7.52 -14.52 14.78
CA ARG A 218 -8.58 -14.54 15.77
C ARG A 218 -9.05 -13.14 16.11
N ILE A 219 -8.13 -12.17 16.17
CA ILE A 219 -8.52 -10.80 16.51
C ILE A 219 -9.40 -10.21 15.43
N ILE A 220 -9.01 -10.38 14.16
CA ILE A 220 -9.83 -9.87 13.06
C ILE A 220 -11.18 -10.56 13.04
N ALA A 221 -11.19 -11.89 13.16
CA ALA A 221 -12.46 -12.60 13.14
C ALA A 221 -13.39 -12.13 14.25
N THR A 222 -12.87 -12.02 15.47
CA THR A 222 -13.73 -11.69 16.60
C THR A 222 -14.18 -10.23 16.55
N THR A 223 -13.25 -9.31 16.31
CA THR A 223 -13.57 -7.91 16.45
C THR A 223 -14.21 -7.31 15.20
N GLU A 224 -14.19 -7.99 14.07
CA GLU A 224 -14.73 -7.42 12.86
C GLU A 224 -15.26 -8.44 11.88
N GLY A 225 -15.53 -9.66 12.33
CA GLY A 225 -16.30 -10.63 11.58
C GLY A 225 -15.47 -11.40 10.57
N LEU A 226 -16.03 -12.52 10.13
CA LEU A 226 -15.45 -13.27 9.03
C LEU A 226 -15.40 -12.43 7.77
N THR A 227 -16.39 -11.57 7.57
CA THR A 227 -16.42 -10.68 6.41
C THR A 227 -15.22 -9.74 6.41
N GLY A 228 -14.79 -9.30 7.59
CA GLY A 228 -13.62 -8.46 7.72
C GLY A 228 -12.32 -9.14 7.37
N LEU A 229 -12.33 -10.47 7.28
CA LEU A 229 -11.19 -11.20 6.77
C LEU A 229 -11.14 -11.21 5.25
N TRP A 230 -12.16 -10.68 4.58
CA TRP A 230 -12.15 -10.56 3.13
C TRP A 230 -12.04 -9.12 2.68
N LYS A 231 -11.63 -8.22 3.58
CA LYS A 231 -11.43 -6.83 3.19
C LYS A 231 -10.38 -6.73 2.09
N GLY A 232 -10.68 -5.94 1.06
CA GLY A 232 -9.76 -5.76 -0.04
C GLY A 232 -9.84 -6.81 -1.11
N THR A 233 -10.93 -7.58 -1.15
CA THR A 233 -11.04 -8.63 -2.17
C THR A 233 -11.16 -8.03 -3.56
N THR A 234 -12.03 -7.04 -3.72
CA THR A 234 -12.20 -6.42 -5.05
C THR A 234 -10.94 -5.73 -5.56
N PRO A 235 -10.20 -4.95 -4.77
CA PRO A 235 -8.90 -4.46 -5.29
C PRO A 235 -7.95 -5.58 -5.66
N ASN A 236 -7.89 -6.62 -4.82
CA ASN A 236 -7.03 -7.77 -5.10
C ASN A 236 -7.51 -8.50 -6.35
N LEU A 237 -8.83 -8.60 -6.52
CA LEU A 237 -9.39 -9.28 -7.68
C LEU A 237 -9.06 -8.52 -8.96
N MET A 238 -9.21 -7.20 -8.93
CA MET A 238 -8.86 -6.37 -10.09
C MET A 238 -7.37 -6.42 -10.37
N ARG A 239 -6.55 -6.39 -9.32
CA ARG A 239 -5.11 -6.46 -9.49
C ARG A 239 -4.69 -7.79 -10.09
N SER A 240 -5.36 -8.87 -9.70
CA SER A 240 -5.13 -10.17 -10.33
C SER A 240 -5.50 -10.15 -11.80
N VAL A 241 -6.64 -9.53 -12.14
CA VAL A 241 -7.04 -9.45 -13.54
C VAL A 241 -5.99 -8.71 -14.35
N ILE A 242 -5.53 -7.56 -13.82
CA ILE A 242 -4.54 -6.76 -14.55
C ILE A 242 -3.24 -7.52 -14.70
N ILE A 243 -2.76 -8.15 -13.63
CA ILE A 243 -1.53 -8.93 -13.71
C ILE A 243 -1.65 -9.98 -14.80
N ASN A 244 -2.71 -10.77 -14.75
CA ASN A 244 -2.85 -11.88 -15.69
C ASN A 244 -2.91 -11.39 -17.13
N CYS A 245 -3.81 -10.46 -17.41
CA CYS A 245 -4.00 -10.00 -18.79
C CYS A 245 -2.75 -9.30 -19.32
N THR A 246 -2.18 -8.40 -18.53
CA THR A 246 -1.00 -7.66 -18.97
C THR A 246 0.17 -8.60 -19.19
N GLU A 247 0.38 -9.56 -18.28
CA GLU A 247 1.50 -10.47 -18.41
C GLU A 247 1.38 -11.31 -19.68
N LEU A 248 0.18 -11.86 -19.92
CA LEU A 248 0.02 -12.72 -21.10
C LEU A 248 0.15 -11.93 -22.40
N VAL A 249 -0.53 -10.79 -22.49
CA VAL A 249 -0.44 -9.98 -23.71
C VAL A 249 0.99 -9.52 -23.95
N THR A 250 1.66 -9.02 -22.91
CA THR A 250 3.01 -8.51 -23.08
C THR A 250 3.97 -9.62 -23.47
N TYR A 251 3.84 -10.81 -22.87
CA TYR A 251 4.71 -11.89 -23.24
C TYR A 251 4.51 -12.28 -24.69
N ASP A 252 3.27 -12.36 -25.16
CA ASP A 252 3.04 -12.69 -26.56
C ASP A 252 3.63 -11.64 -27.48
N LEU A 253 3.40 -10.35 -27.17
CA LEU A 253 3.91 -9.29 -28.03
C LEU A 253 5.43 -9.31 -28.09
N MET A 254 6.08 -9.50 -26.94
CA MET A 254 7.54 -9.49 -26.91
C MET A 254 8.11 -10.71 -27.61
N LYS A 255 7.51 -11.88 -27.41
CA LYS A 255 8.04 -13.06 -28.08
C LYS A 255 7.82 -13.00 -29.58
N GLU A 256 6.69 -12.44 -30.03
CA GLU A 256 6.51 -12.29 -31.48
C GLU A 256 7.47 -11.26 -32.04
N ALA A 257 7.77 -10.19 -31.30
CA ALA A 257 8.77 -9.24 -31.76
C ALA A 257 10.14 -9.90 -31.89
N PHE A 258 10.56 -10.67 -30.88
CA PHE A 258 11.86 -11.33 -30.93
C PHE A 258 11.93 -12.36 -32.05
N VAL A 259 10.85 -13.13 -32.25
CA VAL A 259 10.91 -14.24 -33.20
C VAL A 259 10.69 -13.78 -34.63
N LYS A 260 9.93 -12.71 -34.85
CA LYS A 260 9.75 -12.26 -36.23
C LYS A 260 10.84 -11.30 -36.65
N ASN A 261 11.16 -10.31 -35.82
CA ASN A 261 12.27 -9.44 -36.13
C ASN A 261 13.61 -10.14 -35.98
N ASN A 262 13.61 -11.40 -35.52
CA ASN A 262 14.83 -12.17 -35.32
C ASN A 262 15.82 -11.39 -34.44
N ILE A 263 15.27 -10.64 -33.48
CA ILE A 263 16.11 -9.90 -32.55
C ILE A 263 16.87 -10.86 -31.65
N LEU A 264 16.26 -12.00 -31.31
CA LEU A 264 16.93 -13.04 -30.54
C LEU A 264 16.40 -14.39 -30.98
N ALA A 265 17.27 -15.39 -30.95
CA ALA A 265 16.86 -16.76 -31.27
C ALA A 265 16.02 -17.33 -30.13
N ASP A 266 15.18 -18.31 -30.48
CA ASP A 266 14.04 -18.72 -29.68
C ASP A 266 14.41 -19.51 -28.44
N ASP A 267 15.69 -19.64 -28.12
CA ASP A 267 16.08 -20.44 -26.97
C ASP A 267 15.69 -19.74 -25.68
N VAL A 268 15.63 -20.53 -24.60
CA VAL A 268 15.11 -20.13 -23.29
C VAL A 268 15.61 -18.74 -22.86
N PRO A 269 16.82 -18.32 -23.22
CA PRO A 269 17.14 -16.88 -23.08
C PRO A 269 16.10 -15.96 -23.70
N CYS A 270 15.58 -16.27 -24.89
CA CYS A 270 14.52 -15.44 -25.48
C CYS A 270 13.29 -15.42 -24.59
N HIS A 271 12.83 -16.61 -24.18
CA HIS A 271 11.66 -16.67 -23.33
C HIS A 271 11.92 -16.04 -21.98
N LEU A 272 13.16 -16.07 -21.49
CA LEU A 272 13.46 -15.38 -20.25
C LEU A 272 13.35 -13.87 -20.41
N VAL A 273 13.87 -13.32 -21.51
CA VAL A 273 13.74 -11.88 -21.73
C VAL A 273 12.27 -11.51 -21.89
N SER A 274 11.53 -12.31 -22.65
CA SER A 274 10.10 -12.06 -22.82
C SER A 274 9.37 -12.07 -21.48
N ALA A 275 9.65 -13.09 -20.66
CA ALA A 275 8.96 -13.24 -19.38
C ALA A 275 9.33 -12.12 -18.42
N LEU A 276 10.61 -11.70 -18.43
CA LEU A 276 11.03 -10.61 -17.56
C LEU A 276 10.38 -9.30 -17.98
N ILE A 277 10.33 -9.03 -19.28
CA ILE A 277 9.67 -7.83 -19.77
C ILE A 277 8.19 -7.85 -19.42
N ALA A 278 7.53 -8.98 -19.64
CA ALA A 278 6.11 -9.09 -19.33
C ALA A 278 5.84 -8.96 -17.84
N GLY A 279 6.70 -9.53 -17.01
CA GLY A 279 6.53 -9.40 -15.58
C GLY A 279 6.69 -7.96 -15.11
N PHE A 280 7.68 -7.26 -15.64
CA PHE A 280 7.82 -5.85 -15.30
C PHE A 280 6.63 -5.04 -15.77
N CYS A 281 6.15 -5.32 -16.99
CA CYS A 281 5.01 -4.58 -17.51
C CYS A 281 3.77 -4.82 -16.67
N ALA A 282 3.53 -6.06 -16.27
CA ALA A 282 2.39 -6.39 -15.42
C ALA A 282 2.53 -5.74 -14.05
N THR A 283 3.73 -5.75 -13.48
CA THR A 283 3.93 -5.13 -12.18
C THR A 283 3.71 -3.62 -12.24
N ALA A 284 4.21 -2.97 -13.28
CA ALA A 284 4.00 -1.54 -13.44
C ALA A 284 2.53 -1.24 -13.68
N MET A 285 1.85 -2.07 -14.46
CA MET A 285 0.46 -1.82 -14.80
C MET A 285 -0.44 -2.05 -13.59
N SER A 286 -0.06 -2.96 -12.70
CA SER A 286 -0.84 -3.27 -11.50
C SER A 286 -0.41 -2.47 -10.27
N SER A 287 0.70 -1.73 -10.36
CA SER A 287 1.18 -1.00 -9.20
C SER A 287 0.16 -0.05 -8.58
N PRO A 288 -0.61 0.75 -9.33
CA PRO A 288 -1.61 1.60 -8.67
C PRO A 288 -2.62 0.80 -7.84
N VAL A 289 -3.19 -0.25 -8.44
CA VAL A 289 -4.12 -1.11 -7.73
C VAL A 289 -3.44 -1.78 -6.55
N ASP A 290 -2.17 -2.18 -6.72
CA ASP A 290 -1.45 -2.85 -5.64
C ASP A 290 -1.25 -1.93 -4.45
N VAL A 291 -0.87 -0.67 -4.70
CA VAL A 291 -0.67 0.28 -3.62
C VAL A 291 -1.99 0.56 -2.90
N VAL A 292 -3.04 0.80 -3.69
CA VAL A 292 -4.35 1.09 -3.09
C VAL A 292 -4.86 -0.11 -2.31
N LYS A 293 -4.67 -1.31 -2.86
CA LYS A 293 -5.09 -2.53 -2.19
C LYS A 293 -4.35 -2.73 -0.88
N THR A 294 -3.04 -2.51 -0.88
CA THR A 294 -2.27 -2.66 0.35
C THR A 294 -2.73 -1.67 1.40
N ARG A 295 -2.89 -0.40 1.02
CA ARG A 295 -3.30 0.60 2.00
C ARG A 295 -4.70 0.34 2.52
N PHE A 296 -5.62 -0.08 1.65
CA PHE A 296 -6.98 -0.36 2.06
C PHE A 296 -7.04 -1.58 2.99
N ILE A 297 -6.34 -2.66 2.62
CA ILE A 297 -6.32 -3.85 3.45
C ILE A 297 -5.70 -3.55 4.80
N ASN A 298 -4.66 -2.72 4.82
CA ASN A 298 -3.99 -2.40 6.06
C ASN A 298 -4.81 -1.47 6.94
N SER A 299 -5.64 -0.63 6.34
CA SER A 299 -6.36 0.37 7.10
C SER A 299 -7.31 -0.28 8.09
N PRO A 300 -7.45 0.26 9.30
CA PRO A 300 -8.47 -0.21 10.23
C PRO A 300 -9.85 0.22 9.76
N PRO A 301 -10.92 -0.38 10.29
CA PRO A 301 -12.26 0.00 9.86
C PRO A 301 -12.52 1.48 10.09
N GLY A 302 -13.12 2.12 9.09
CA GLY A 302 -13.54 3.50 9.18
C GLY A 302 -12.58 4.50 8.58
N GLN A 303 -11.32 4.14 8.39
CA GLN A 303 -10.36 5.09 7.85
C GLN A 303 -10.72 5.47 6.41
N TYR A 304 -11.12 4.50 5.61
CA TYR A 304 -11.45 4.74 4.21
C TYR A 304 -12.89 4.35 3.96
N LYS A 305 -13.65 5.29 3.38
CA LYS A 305 -15.05 5.05 3.07
C LYS A 305 -15.20 3.88 2.10
N SER A 306 -14.33 3.81 1.10
CA SER A 306 -14.35 2.76 0.11
C SER A 306 -12.94 2.60 -0.44
N VAL A 307 -12.79 1.76 -1.45
CA VAL A 307 -11.50 1.61 -2.11
C VAL A 307 -11.24 2.79 -3.04
N PRO A 308 -12.21 3.27 -3.83
CA PRO A 308 -11.97 4.52 -4.58
C PRO A 308 -11.66 5.70 -3.66
N ASN A 309 -12.22 5.71 -2.46
CA ASN A 309 -11.90 6.77 -1.50
C ASN A 309 -10.42 6.73 -1.12
N CYS A 310 -9.89 5.54 -0.85
CA CYS A 310 -8.47 5.40 -0.55
C CYS A 310 -7.62 5.85 -1.72
N ALA A 311 -7.99 5.45 -2.94
CA ALA A 311 -7.23 5.83 -4.12
C ALA A 311 -7.24 7.34 -4.32
N MET A 312 -8.38 7.98 -4.12
CA MET A 312 -8.47 9.43 -4.33
C MET A 312 -7.69 10.18 -3.26
N LYS A 313 -7.71 9.69 -2.02
CA LYS A 313 -6.90 10.32 -0.98
C LYS A 313 -5.41 10.18 -1.30
N VAL A 314 -5.00 9.01 -1.79
CA VAL A 314 -3.61 8.83 -2.21
C VAL A 314 -3.26 9.81 -3.31
N PHE A 315 -4.14 9.96 -4.30
CA PHE A 315 -3.88 10.86 -5.42
C PHE A 315 -3.74 12.30 -4.94
N THR A 316 -4.73 12.79 -4.20
CA THR A 316 -4.74 14.20 -3.81
C THR A 316 -3.66 14.54 -2.79
N ASN A 317 -3.18 13.57 -2.01
CA ASN A 317 -2.20 13.91 -0.98
C ASN A 317 -0.78 13.49 -1.32
N GLU A 318 -0.57 12.59 -2.28
CA GLU A 318 0.78 12.19 -2.65
C GLU A 318 1.02 12.13 -4.16
N GLY A 319 0.00 12.03 -5.00
CA GLY A 319 0.17 12.13 -6.42
C GLY A 319 0.40 10.85 -7.16
N PRO A 320 0.56 10.94 -8.47
CA PRO A 320 0.68 9.73 -9.30
C PRO A 320 1.92 8.90 -9.02
N THR A 321 2.96 9.49 -8.43
CA THR A 321 4.15 8.71 -8.11
C THR A 321 3.89 7.73 -6.98
N ALA A 322 3.04 8.11 -6.02
CA ALA A 322 2.74 7.23 -4.90
C ALA A 322 2.13 5.91 -5.37
N PHE A 323 1.40 5.93 -6.48
CA PHE A 323 0.80 4.72 -7.00
C PHE A 323 1.83 3.71 -7.48
N PHE A 324 3.10 4.10 -7.56
CA PHE A 324 4.16 3.18 -7.90
C PHE A 324 5.14 2.98 -6.75
N LYS A 325 4.70 3.26 -5.53
CA LYS A 325 5.52 2.94 -4.35
C LYS A 325 5.77 1.45 -4.28
N GLY A 326 7.01 1.07 -3.98
CA GLY A 326 7.35 -0.34 -3.87
C GLY A 326 7.36 -1.07 -5.18
N LEU A 327 7.59 -0.37 -6.29
CA LEU A 327 7.53 -1.01 -7.61
C LEU A 327 8.73 -1.93 -7.84
N VAL A 328 9.92 -1.52 -7.42
CA VAL A 328 11.11 -2.35 -7.59
C VAL A 328 11.04 -3.63 -6.77
N PRO A 329 10.73 -3.57 -5.46
CA PRO A 329 10.58 -4.83 -4.72
C PRO A 329 9.48 -5.72 -5.25
N SER A 330 8.38 -5.14 -5.72
CA SER A 330 7.29 -5.94 -6.27
C SER A 330 7.75 -6.71 -7.50
N PHE A 331 8.45 -6.05 -8.41
CA PHE A 331 8.89 -6.70 -9.63
C PHE A 331 9.99 -7.72 -9.34
N LEU A 332 10.92 -7.38 -8.45
CA LEU A 332 11.96 -8.33 -8.09
C LEU A 332 11.37 -9.56 -7.42
N ARG A 333 10.35 -9.41 -6.60
CA ARG A 333 9.72 -10.57 -5.97
C ARG A 333 8.94 -11.37 -6.96
N LEU A 334 8.31 -10.74 -7.90
CA LEU A 334 7.63 -11.52 -8.93
C LEU A 334 8.63 -12.35 -9.74
N GLY A 335 9.70 -11.71 -10.21
CA GLY A 335 10.65 -12.44 -11.04
C GLY A 335 11.37 -13.55 -10.29
N SER A 336 11.88 -13.25 -9.10
CA SER A 336 12.63 -14.23 -8.34
C SER A 336 11.72 -15.35 -7.87
N TRP A 337 10.51 -15.02 -7.41
CA TRP A 337 9.55 -16.03 -7.03
C TRP A 337 9.23 -16.95 -8.19
N ASN A 338 8.99 -16.40 -9.37
CA ASN A 338 8.64 -17.22 -10.52
C ASN A 338 9.78 -18.15 -10.91
N VAL A 339 11.01 -17.65 -10.93
CA VAL A 339 12.13 -18.51 -11.34
C VAL A 339 12.39 -19.58 -10.29
N ILE A 340 12.36 -19.20 -9.01
CA ILE A 340 12.60 -20.18 -7.95
C ILE A 340 11.51 -21.24 -7.97
N MET A 341 10.25 -20.84 -8.11
CA MET A 341 9.19 -21.82 -8.14
C MET A 341 9.28 -22.71 -9.36
N PHE A 342 9.63 -22.15 -10.53
CA PHE A 342 9.73 -23.00 -11.71
C PHE A 342 10.82 -24.04 -11.53
N VAL A 343 12.01 -23.62 -11.11
CA VAL A 343 13.12 -24.55 -10.96
C VAL A 343 12.80 -25.61 -9.90
N CYS A 344 12.35 -25.17 -8.73
CA CYS A 344 12.05 -26.09 -7.64
C CYS A 344 10.92 -27.04 -8.01
N PHE A 345 9.88 -26.53 -8.67
CA PHE A 345 8.73 -27.34 -9.06
C PHE A 345 9.14 -28.43 -10.03
N GLU A 346 9.88 -28.07 -11.09
CA GLU A 346 10.28 -29.07 -12.06
C GLU A 346 11.17 -30.12 -11.42
N GLN A 347 12.18 -29.69 -10.67
CA GLN A 347 13.08 -30.65 -10.04
C GLN A 347 12.34 -31.55 -9.06
N LEU A 348 11.41 -30.97 -8.31
CA LEU A 348 10.72 -31.70 -7.26
C LEU A 348 9.75 -32.72 -7.85
N LYS A 349 8.97 -32.33 -8.86
CA LYS A 349 8.06 -33.31 -9.42
C LYS A 349 8.81 -34.37 -10.22
N ARG A 350 9.92 -34.02 -10.86
CA ARG A 350 10.71 -35.05 -11.52
C ARG A 350 11.29 -36.05 -10.52
N GLU A 351 11.83 -35.55 -9.40
CA GLU A 351 12.42 -36.48 -8.44
C GLU A 351 11.37 -37.30 -7.72
N LEU A 352 10.18 -36.71 -7.48
CA LEU A 352 9.11 -37.47 -6.84
C LEU A 352 8.52 -38.52 -7.78
N SER A 353 8.44 -38.20 -9.07
CA SER A 353 7.90 -39.16 -10.03
C SER A 353 8.90 -40.27 -10.32
N LYS A 354 10.19 -39.95 -10.37
CA LYS A 354 11.20 -40.97 -10.58
C LYS A 354 11.64 -41.64 -9.29
N SER A 355 11.09 -41.21 -8.15
CA SER A 355 11.36 -41.88 -6.89
C SER A 355 10.35 -43.02 -6.65
N GLN B 3 -11.39 27.06 -7.29
CA GLN B 3 -11.13 28.31 -6.59
C GLN B 3 -10.88 28.07 -5.11
N VAL B 4 -9.69 27.56 -4.79
CA VAL B 4 -9.36 27.25 -3.41
C VAL B 4 -9.26 28.52 -2.60
N GLN B 5 -9.83 28.49 -1.40
CA GLN B 5 -9.86 29.66 -0.53
C GLN B 5 -9.96 29.19 0.91
N LEU B 6 -8.91 29.41 1.68
CA LEU B 6 -8.90 29.13 3.11
C LEU B 6 -9.00 30.44 3.88
N VAL B 7 -9.91 30.50 4.84
CA VAL B 7 -10.11 31.71 5.64
C VAL B 7 -9.99 31.34 7.12
N GLU B 8 -8.97 31.89 7.78
CA GLU B 8 -8.78 31.66 9.20
C GLU B 8 -9.50 32.72 10.01
N SER B 9 -9.84 32.35 11.24
CA SER B 9 -10.53 33.23 12.17
C SER B 9 -10.28 32.72 13.58
N GLY B 10 -10.68 33.53 14.56
CA GLY B 10 -10.57 33.13 15.94
C GLY B 10 -9.31 33.58 16.65
N GLY B 11 -8.35 34.16 15.93
CA GLY B 11 -7.17 34.68 16.58
C GLY B 11 -7.47 35.95 17.37
N GLY B 12 -6.55 36.29 18.26
CA GLY B 12 -6.74 37.48 19.06
C GLY B 12 -5.67 37.61 20.11
N LEU B 13 -5.88 38.55 21.01
CA LEU B 13 -4.97 38.84 22.10
C LEU B 13 -5.42 38.09 23.35
N VAL B 14 -4.52 37.27 23.89
CA VAL B 14 -4.82 36.42 25.03
C VAL B 14 -3.64 36.50 26.00
N GLN B 15 -3.95 36.40 27.29
CA GLN B 15 -2.90 36.37 28.29
C GLN B 15 -2.13 35.05 28.22
N ALA B 16 -0.92 35.06 28.77
CA ALA B 16 -0.14 33.84 28.85
C ALA B 16 -0.86 32.82 29.72
N GLY B 17 -0.89 31.58 29.25
CA GLY B 17 -1.64 30.52 29.91
C GLY B 17 -3.08 30.39 29.48
N GLY B 18 -3.54 31.24 28.55
CA GLY B 18 -4.92 31.22 28.11
C GLY B 18 -5.15 30.33 26.90
N SER B 19 -6.40 30.28 26.47
CA SER B 19 -6.86 29.37 25.43
C SER B 19 -7.42 30.16 24.26
N LEU B 20 -7.37 29.54 23.08
CA LEU B 20 -7.85 30.18 21.86
C LEU B 20 -8.18 29.09 20.85
N ARG B 21 -9.34 29.16 20.23
CA ARG B 21 -9.71 28.21 19.18
C ARG B 21 -9.69 28.92 17.84
N LEU B 22 -8.75 28.54 16.99
CA LEU B 22 -8.68 29.04 15.62
C LEU B 22 -9.51 28.16 14.70
N SER B 23 -10.22 28.80 13.79
CA SER B 23 -11.05 28.12 12.82
C SER B 23 -10.53 28.43 11.42
N CYS B 24 -10.75 27.49 10.52
CA CYS B 24 -10.38 27.61 9.11
C CYS B 24 -11.55 27.14 8.28
N ALA B 25 -12.24 28.08 7.64
CA ALA B 25 -13.26 27.76 6.66
C ALA B 25 -12.59 27.53 5.31
N ALA B 26 -12.64 26.31 4.83
CA ALA B 26 -12.11 25.93 3.54
C ALA B 26 -13.21 26.00 2.49
N SER B 27 -12.83 26.32 1.27
CA SER B 27 -13.80 26.51 0.20
C SER B 27 -13.14 26.23 -1.14
N GLY B 28 -13.97 25.86 -2.11
CA GLY B 28 -13.50 25.65 -3.46
C GLY B 28 -12.84 24.33 -3.74
N PHE B 29 -12.90 23.38 -2.82
CA PHE B 29 -12.30 22.07 -3.07
C PHE B 29 -12.95 21.06 -2.14
N PRO B 30 -12.90 19.76 -2.49
CA PRO B 30 -13.48 18.71 -1.63
C PRO B 30 -12.62 18.37 -0.43
N VAL B 31 -12.80 19.10 0.68
CA VAL B 31 -11.93 18.99 1.84
C VAL B 31 -11.88 17.58 2.41
N MET B 32 -12.84 16.73 2.07
CA MET B 32 -12.86 15.36 2.57
C MET B 32 -11.71 14.51 2.06
N TYR B 33 -10.96 14.99 1.06
CA TYR B 33 -9.89 14.22 0.46
C TYR B 33 -8.51 14.75 0.79
N TYR B 34 -8.40 15.85 1.52
CA TYR B 34 -7.13 16.54 1.70
C TYR B 34 -6.74 16.57 3.17
N ASN B 35 -5.49 16.26 3.45
CA ASN B 35 -4.91 16.56 4.75
C ASN B 35 -4.80 18.07 4.91
N MET B 36 -5.03 18.55 6.12
CA MET B 36 -5.02 19.97 6.40
C MET B 36 -3.90 20.28 7.37
N HIS B 37 -3.22 21.41 7.17
CA HIS B 37 -2.09 21.77 8.01
C HIS B 37 -2.30 23.14 8.62
N TRP B 38 -1.75 23.31 9.81
CA TRP B 38 -1.63 24.61 10.46
C TRP B 38 -0.15 24.95 10.56
N TYR B 39 0.21 26.10 10.03
CA TYR B 39 1.54 26.68 10.15
C TYR B 39 1.44 27.95 10.97
N ARG B 40 2.59 28.49 11.35
CA ARG B 40 2.60 29.81 11.95
C ARG B 40 3.89 30.50 11.56
N GLN B 41 3.85 31.82 11.61
CA GLN B 41 5.01 32.64 11.31
C GLN B 41 5.01 33.87 12.21
N ALA B 42 6.05 34.04 12.94
CA ALA B 42 6.25 35.29 13.64
C ALA B 42 7.29 36.12 12.91
N PRO B 43 7.17 37.45 12.94
CA PRO B 43 8.12 38.29 12.22
C PRO B 43 9.55 38.08 12.70
N GLY B 44 10.49 38.17 11.77
CA GLY B 44 11.86 37.82 12.05
C GLY B 44 12.14 36.33 12.05
N LYS B 45 11.16 35.52 11.69
CA LYS B 45 11.28 34.08 11.71
C LYS B 45 10.70 33.51 10.43
N GLU B 46 10.97 32.23 10.21
CA GLU B 46 10.42 31.48 9.09
C GLU B 46 9.12 30.81 9.50
N ARG B 47 8.27 30.54 8.50
CA ARG B 47 7.01 29.87 8.76
C ARG B 47 7.25 28.49 9.35
N GLU B 48 6.62 28.24 10.49
CA GLU B 48 6.81 27.02 11.28
C GLU B 48 5.61 26.12 11.12
N TRP B 49 5.84 24.87 10.76
CA TRP B 49 4.74 23.91 10.73
C TRP B 49 4.30 23.59 12.14
N VAL B 50 2.99 23.64 12.38
CA VAL B 50 2.42 23.45 13.70
C VAL B 50 1.72 22.09 13.80
N ALA B 51 0.73 21.84 12.96
CA ALA B 51 -0.07 20.64 13.10
C ALA B 51 -0.56 20.17 11.74
N ALA B 52 -0.91 18.90 11.68
CA ALA B 52 -1.44 18.29 10.47
C ALA B 52 -2.52 17.31 10.86
N ILE B 53 -3.54 17.20 10.02
CA ILE B 53 -4.65 16.29 10.27
C ILE B 53 -5.04 15.59 8.97
N GLU B 54 -5.41 14.32 9.09
CA GLU B 54 -5.75 13.47 7.98
C GLU B 54 -7.07 13.91 7.35
N SER B 55 -7.34 13.40 6.15
CA SER B 55 -8.51 13.80 5.37
C SER B 55 -9.80 13.71 6.16
N THR B 56 -9.95 12.67 6.97
CA THR B 56 -11.13 12.50 7.81
C THR B 56 -10.79 12.55 9.28
N GLY B 57 -9.61 13.06 9.62
CA GLY B 57 -9.20 13.16 11.00
C GLY B 57 -8.69 11.87 11.61
N TRP B 58 -8.30 10.91 10.77
CA TRP B 58 -7.86 9.63 11.30
C TRP B 58 -6.59 9.76 12.13
N TRP B 59 -5.63 10.55 11.67
CA TRP B 59 -4.44 10.83 12.44
C TRP B 59 -4.26 12.34 12.59
N ALA B 60 -3.54 12.73 13.63
CA ALA B 60 -3.15 14.11 13.84
C ALA B 60 -1.72 14.14 14.32
N HIS B 61 -0.92 15.02 13.76
CA HIS B 61 0.48 15.16 14.13
C HIS B 61 0.77 16.60 14.50
N TYR B 62 1.68 16.78 15.45
CA TYR B 62 1.98 18.10 15.97
C TYR B 62 3.49 18.33 15.99
N ALA B 63 3.88 19.58 15.87
CA ALA B 63 5.24 19.97 16.17
C ALA B 63 5.51 19.76 17.65
N ASP B 64 6.75 19.40 17.97
CA ASP B 64 7.08 19.04 19.34
C ASP B 64 6.90 20.20 20.30
N SER B 65 6.96 21.43 19.80
CA SER B 65 6.80 22.59 20.66
C SER B 65 5.36 22.79 21.11
N VAL B 66 4.39 22.28 20.35
CA VAL B 66 2.98 22.52 20.63
C VAL B 66 2.24 21.26 21.05
N LYS B 67 2.87 20.09 20.99
CA LYS B 67 2.17 18.85 21.30
C LYS B 67 1.71 18.85 22.75
N GLY B 68 0.45 18.50 22.97
CA GLY B 68 -0.18 18.56 24.27
C GLY B 68 -0.91 19.86 24.50
N ARG B 69 -0.31 20.97 24.08
CA ARG B 69 -0.94 22.28 24.24
C ARG B 69 -1.91 22.57 23.11
N PHE B 70 -1.57 22.17 21.90
CA PHE B 70 -2.39 22.41 20.72
C PHE B 70 -3.02 21.10 20.29
N THR B 71 -4.28 21.17 19.84
CA THR B 71 -4.96 20.04 19.24
C THR B 71 -5.59 20.48 17.93
N ILE B 72 -5.40 19.69 16.89
CA ILE B 72 -5.98 19.95 15.58
C ILE B 72 -7.20 19.05 15.42
N SER B 73 -8.25 19.59 14.83
CA SER B 73 -9.55 18.94 14.74
C SER B 73 -10.17 19.29 13.41
N ARG B 74 -11.23 18.58 13.05
CA ARG B 74 -11.75 18.68 11.69
C ARG B 74 -13.26 18.50 11.71
N ASP B 75 -13.93 19.12 10.74
CA ASP B 75 -15.31 18.77 10.44
C ASP B 75 -15.51 19.01 8.95
N ASN B 76 -15.65 17.93 8.19
CA ASN B 76 -15.82 18.03 6.76
C ASN B 76 -17.24 18.36 6.34
N ALA B 77 -18.21 18.22 7.25
CA ALA B 77 -19.57 18.64 6.94
C ALA B 77 -19.71 20.15 6.97
N LYS B 78 -18.79 20.85 7.61
CA LYS B 78 -18.77 22.30 7.60
C LYS B 78 -17.55 22.86 6.87
N ASN B 79 -16.70 22.00 6.31
CA ASN B 79 -15.47 22.40 5.63
C ASN B 79 -14.58 23.24 6.54
N THR B 80 -14.45 22.80 7.79
CA THR B 80 -13.76 23.61 8.79
C THR B 80 -12.66 22.79 9.46
N VAL B 81 -11.54 23.45 9.72
CA VAL B 81 -10.43 22.86 10.46
C VAL B 81 -10.18 23.71 11.70
N TYR B 82 -9.96 23.07 12.83
CA TYR B 82 -9.85 23.78 14.10
C TYR B 82 -8.48 23.54 14.72
N LEU B 83 -7.97 24.57 15.37
CA LEU B 83 -6.76 24.49 16.19
C LEU B 83 -7.10 25.03 17.56
N GLN B 84 -7.28 24.14 18.53
CA GLN B 84 -7.43 24.54 19.92
C GLN B 84 -6.05 24.71 20.53
N MET B 85 -5.80 25.88 21.11
CA MET B 85 -4.50 26.20 21.69
C MET B 85 -4.71 26.50 23.17
N ASN B 86 -4.03 25.75 24.02
CA ASN B 86 -4.16 25.88 25.46
C ASN B 86 -2.80 26.17 26.07
N SER B 87 -2.84 26.65 27.31
CA SER B 87 -1.66 27.12 28.02
C SER B 87 -0.76 27.92 27.09
N LEU B 88 -1.35 28.93 26.48
CA LEU B 88 -0.64 29.76 25.52
C LEU B 88 0.44 30.56 26.21
N LYS B 89 1.56 30.72 25.52
CA LYS B 89 2.74 31.36 26.04
C LYS B 89 3.28 32.35 25.03
N PRO B 90 3.96 33.41 25.48
CA PRO B 90 4.27 34.53 24.59
C PRO B 90 5.02 34.14 23.34
N GLU B 91 5.77 33.04 23.36
CA GLU B 91 6.46 32.58 22.17
C GLU B 91 5.54 31.95 21.15
N ASP B 92 4.25 31.82 21.45
CA ASP B 92 3.24 31.38 20.50
C ASP B 92 2.63 32.53 19.71
N THR B 93 3.10 33.75 19.93
CA THR B 93 2.60 34.91 19.22
C THR B 93 3.07 34.87 17.78
N ALA B 94 2.12 34.74 16.85
CA ALA B 94 2.45 34.59 15.43
C ALA B 94 1.18 34.76 14.63
N VAL B 95 1.35 34.83 13.31
CA VAL B 95 0.23 34.69 12.38
C VAL B 95 0.10 33.21 12.06
N TYR B 96 -1.08 32.66 12.29
CA TYR B 96 -1.34 31.24 12.07
C TYR B 96 -2.04 31.05 10.75
N TYR B 97 -1.56 30.11 9.96
CA TYR B 97 -1.96 29.92 8.58
C TYR B 97 -2.55 28.53 8.38
N CYS B 98 -3.73 28.49 7.80
CA CYS B 98 -4.30 27.26 7.27
C CYS B 98 -3.61 26.91 5.96
N ASN B 99 -3.38 25.63 5.73
CA ASN B 99 -2.63 25.19 4.56
C ASN B 99 -3.23 23.92 3.98
N VAL B 100 -3.33 23.89 2.66
CA VAL B 100 -3.67 22.70 1.90
C VAL B 100 -2.53 22.43 0.93
N LYS B 101 -1.97 21.23 0.96
CA LYS B 101 -0.97 20.82 -0.02
C LYS B 101 -1.69 19.96 -1.05
N ASP B 102 -2.13 20.58 -2.14
CA ASP B 102 -2.82 19.86 -3.20
C ASP B 102 -1.78 19.25 -4.12
N PHE B 103 -1.71 17.92 -4.17
CA PHE B 103 -0.61 17.34 -4.91
C PHE B 103 -1.09 17.04 -6.33
N GLY B 104 -2.04 16.12 -6.46
CA GLY B 104 -2.76 15.91 -7.72
C GLY B 104 -1.86 15.52 -8.88
N TRP B 105 -2.16 16.07 -10.05
CA TRP B 105 -1.33 15.89 -11.25
C TRP B 105 -0.20 16.92 -11.25
N ARG B 106 0.72 16.75 -10.30
CA ARG B 106 1.82 17.69 -10.16
C ARG B 106 3.08 16.95 -9.78
N TRP B 107 4.22 17.58 -10.04
CA TRP B 107 5.50 17.02 -9.64
C TRP B 107 5.73 17.16 -8.15
N GLU B 108 5.40 18.33 -7.58
CA GLU B 108 5.43 18.55 -6.15
C GLU B 108 4.05 19.04 -5.72
N ALA B 109 3.79 18.98 -4.42
CA ALA B 109 2.54 19.52 -3.90
C ALA B 109 2.54 21.04 -4.00
N TYR B 110 1.35 21.58 -4.25
CA TYR B 110 1.16 23.02 -4.33
C TYR B 110 0.49 23.50 -3.05
N ASP B 111 1.09 24.49 -2.41
CA ASP B 111 0.62 25.01 -1.14
C ASP B 111 -0.40 26.11 -1.37
N TYR B 112 -1.58 25.94 -0.80
CA TYR B 112 -2.60 26.97 -0.73
C TYR B 112 -2.68 27.43 0.71
N TRP B 113 -2.57 28.73 0.92
CA TRP B 113 -2.55 29.32 2.24
C TRP B 113 -3.79 30.14 2.47
N GLY B 114 -4.08 30.39 3.74
CA GLY B 114 -5.01 31.43 4.12
C GLY B 114 -4.31 32.76 4.24
N GLN B 115 -5.07 33.78 4.59
CA GLN B 115 -4.45 35.06 4.90
C GLN B 115 -3.83 35.08 6.29
N GLY B 116 -4.11 34.07 7.10
CA GLY B 116 -3.56 33.99 8.44
C GLY B 116 -4.37 34.78 9.43
N THR B 117 -4.43 34.30 10.67
CA THR B 117 -5.06 35.03 11.76
C THR B 117 -4.00 35.25 12.84
N GLN B 118 -3.96 36.46 13.38
CA GLN B 118 -2.91 36.83 14.31
C GLN B 118 -3.28 36.40 15.73
N VAL B 119 -2.32 35.76 16.41
CA VAL B 119 -2.45 35.34 17.79
C VAL B 119 -1.36 36.05 18.57
N THR B 120 -1.77 36.92 19.48
CA THR B 120 -0.84 37.64 20.35
C THR B 120 -1.06 37.17 21.78
N VAL B 121 0.03 36.78 22.44
CA VAL B 121 -0.02 36.28 23.82
C VAL B 121 0.66 37.30 24.71
N SER B 122 -0.10 37.88 25.63
CA SER B 122 0.42 38.87 26.56
C SER B 122 1.11 38.21 27.74
N SER B 123 2.18 38.85 28.22
CA SER B 123 2.89 38.43 29.41
C SER B 123 2.77 39.49 30.51
N LEU B 124 1.59 40.08 30.64
CA LEU B 124 1.38 41.12 31.64
C LEU B 124 1.02 40.50 32.98
N GLU B 125 1.44 41.17 34.05
CA GLU B 125 1.16 40.74 35.40
C GLU B 125 0.08 41.62 36.00
N HIS B 126 -0.92 40.99 36.59
CA HIS B 126 -2.02 41.68 37.24
C HIS B 126 -1.99 41.40 38.72
#